data_1X77
#
_entry.id   1X77
#
_cell.length_a   61.473
_cell.length_b   65.704
_cell.length_c   117.800
_cell.angle_alpha   90.00
_cell.angle_beta   90.00
_cell.angle_gamma   90.00
#
_symmetry.space_group_name_H-M   'P 21 21 21'
#
loop_
_entity.id
_entity.type
_entity.pdbx_description
1 polymer 'conserved hypothetical protein'
2 non-polymer 'FLAVIN MONONUCLEOTIDE'
3 water water
#
_entity_poly.entity_id   1
_entity_poly.type   'polypeptide(L)'
_entity_poly.pdbx_seq_one_letter_code
;MSLSDDIKVLGISGSLRSGSYNSAALQEAIGLVPPGMSIELADISGIPLYNEDVYALGFPPAVERFREQIRAADALLFAT
PEYNYSMAGVLKNAIDWASRPPEQPFSGKPAAILGASAGRFGTARAQYHLRQTLVFLDVHPLNKPEVMISSAQNAFDAQG
RLLDDKARELIQQQLQALQLWVREGGSHHHHHH
;
_entity_poly.pdbx_strand_id   A,B
#
loop_
_chem_comp.id
_chem_comp.type
_chem_comp.name
_chem_comp.formula
FMN non-polymer 'FLAVIN MONONUCLEOTIDE' 'C17 H21 N4 O9 P'
#
# COMPACT_ATOMS: atom_id res chain seq x y z
N ILE A 7 -18.67 5.25 24.00
CA ILE A 7 -17.89 4.52 22.94
C ILE A 7 -17.24 5.49 21.94
N LYS A 8 -15.92 5.58 22.00
CA LYS A 8 -15.16 6.47 21.14
C LYS A 8 -14.77 5.70 19.87
N VAL A 9 -15.07 6.25 18.70
CA VAL A 9 -14.72 5.58 17.45
C VAL A 9 -13.75 6.43 16.61
N LEU A 10 -12.77 5.77 16.00
CA LEU A 10 -11.78 6.45 15.16
C LEU A 10 -12.06 6.23 13.67
N GLY A 11 -12.28 7.33 12.95
CA GLY A 11 -12.54 7.24 11.52
C GLY A 11 -11.25 7.53 10.80
N ILE A 12 -10.81 6.63 9.96
CA ILE A 12 -9.56 6.79 9.22
C ILE A 12 -9.82 6.77 7.71
N SER A 13 -9.51 7.88 7.05
CA SER A 13 -9.69 7.97 5.61
C SER A 13 -8.38 7.70 4.91
N GLY A 14 -8.47 6.90 3.84
CA GLY A 14 -7.28 6.57 3.09
C GLY A 14 -6.99 7.56 1.99
N SER A 15 -7.70 8.69 2.00
CA SER A 15 -7.53 9.72 0.99
C SER A 15 -7.20 11.07 1.60
N LEU A 16 -6.22 11.76 1.01
CA LEU A 16 -5.81 13.05 1.54
C LEU A 16 -6.41 14.25 0.79
N ARG A 17 -7.06 14.02 -0.34
CA ARG A 17 -7.62 15.15 -1.08
C ARG A 17 -8.79 15.77 -0.30
N SER A 18 -8.95 17.09 -0.43
CA SER A 18 -9.99 17.83 0.26
C SER A 18 -11.43 17.37 0.01
N GLY A 19 -11.72 16.95 -1.21
CA GLY A 19 -13.07 16.50 -1.53
C GLY A 19 -13.29 15.01 -1.36
N SER A 20 -12.29 14.31 -0.84
CA SER A 20 -12.34 12.87 -0.61
C SER A 20 -13.74 12.35 -0.25
N TYR A 21 -14.25 11.44 -1.07
CA TYR A 21 -15.55 10.86 -0.81
C TYR A 21 -15.48 9.88 0.36
N ASN A 22 -14.29 9.33 0.61
CA ASN A 22 -14.13 8.41 1.73
C ASN A 22 -14.12 9.23 3.00
N SER A 23 -13.56 10.43 2.93
CA SER A 23 -13.56 11.30 4.09
C SER A 23 -15.00 11.76 4.27
N ALA A 24 -15.61 12.27 3.21
CA ALA A 24 -16.98 12.77 3.27
C ALA A 24 -17.96 11.73 3.80
N ALA A 25 -17.69 10.47 3.54
CA ALA A 25 -18.56 9.40 3.99
C ALA A 25 -18.49 9.26 5.50
N LEU A 26 -17.27 9.28 6.04
CA LEU A 26 -17.06 9.16 7.48
C LEU A 26 -17.70 10.33 8.21
N GLN A 27 -17.64 11.50 7.58
CA GLN A 27 -18.20 12.71 8.18
C GLN A 27 -19.70 12.55 8.34
N GLU A 28 -20.31 11.99 7.30
CA GLU A 28 -21.74 11.71 7.29
C GLU A 28 -22.07 10.78 8.44
N ALA A 29 -21.24 9.76 8.63
CA ALA A 29 -21.43 8.80 9.71
C ALA A 29 -21.52 9.53 11.03
N ILE A 30 -20.79 10.64 11.13
CA ILE A 30 -20.81 11.42 12.36
C ILE A 30 -22.21 11.98 12.59
N GLY A 31 -22.89 12.32 11.51
CA GLY A 31 -24.24 12.85 11.65
C GLY A 31 -25.20 11.71 11.89
N LEU A 32 -24.70 10.48 11.81
CA LEU A 32 -25.53 9.29 12.01
C LEU A 32 -25.26 8.49 13.29
N VAL A 33 -24.30 8.91 14.10
CA VAL A 33 -24.02 8.16 15.32
C VAL A 33 -25.22 8.09 16.24
N PRO A 34 -25.44 6.91 16.85
CA PRO A 34 -26.57 6.78 17.77
C PRO A 34 -26.06 7.26 19.12
N PRO A 35 -26.96 7.42 20.08
CA PRO A 35 -26.46 7.88 21.38
C PRO A 35 -25.45 6.89 22.00
N GLY A 36 -24.44 7.41 22.68
CA GLY A 36 -23.46 6.55 23.29
C GLY A 36 -22.27 6.25 22.39
N MET A 37 -22.22 6.92 21.24
CA MET A 37 -21.13 6.70 20.31
C MET A 37 -20.74 8.00 19.65
N SER A 38 -19.44 8.22 19.50
CA SER A 38 -18.95 9.44 18.86
C SER A 38 -17.82 9.07 17.92
N ILE A 39 -17.74 9.76 16.78
CA ILE A 39 -16.70 9.49 15.79
C ILE A 39 -15.74 10.66 15.65
N GLU A 40 -14.46 10.39 15.85
CA GLU A 40 -13.43 11.41 15.72
C GLU A 40 -12.63 11.01 14.51
N LEU A 41 -12.21 11.98 13.70
CA LEU A 41 -11.44 11.68 12.49
C LEU A 41 -9.93 11.85 12.61
N ALA A 42 -9.23 10.73 12.57
CA ALA A 42 -7.78 10.75 12.65
C ALA A 42 -7.27 11.53 11.46
N ASP A 43 -6.07 12.09 11.60
CA ASP A 43 -5.45 12.87 10.53
C ASP A 43 -4.10 12.24 10.26
N ILE A 44 -3.94 11.64 9.09
CA ILE A 44 -2.69 10.97 8.74
C ILE A 44 -1.85 11.75 7.73
N SER A 45 -2.38 12.89 7.28
CA SER A 45 -1.68 13.69 6.29
C SER A 45 -0.25 14.01 6.72
N GLY A 46 -0.02 14.12 8.02
CA GLY A 46 1.31 14.43 8.50
C GLY A 46 2.26 13.25 8.58
N ILE A 47 1.75 12.03 8.40
CA ILE A 47 2.59 10.84 8.48
C ILE A 47 3.49 10.71 7.25
N PRO A 48 4.81 10.60 7.46
CA PRO A 48 5.72 10.48 6.32
C PRO A 48 5.78 9.09 5.69
N LEU A 49 6.51 8.99 4.59
CA LEU A 49 6.66 7.72 3.92
C LEU A 49 7.41 6.86 4.92
N TYR A 50 7.14 5.56 4.94
CA TYR A 50 7.83 4.71 5.89
C TYR A 50 9.28 4.46 5.53
N ASN A 51 10.13 4.53 6.55
CA ASN A 51 11.55 4.30 6.40
C ASN A 51 12.10 3.77 7.73
N GLU A 52 12.64 2.57 7.69
CA GLU A 52 13.19 1.94 8.89
C GLU A 52 14.26 2.79 9.58
N ASP A 53 15.06 3.51 8.81
CA ASP A 53 16.10 4.33 9.42
C ASP A 53 15.51 5.49 10.22
N VAL A 54 14.38 6.02 9.79
CA VAL A 54 13.72 7.11 10.50
C VAL A 54 13.08 6.59 11.79
N TYR A 55 12.36 5.48 11.65
CA TYR A 55 11.70 4.85 12.79
C TYR A 55 12.69 4.45 13.87
N ALA A 56 13.88 4.01 13.48
CA ALA A 56 14.86 3.60 14.48
C ALA A 56 15.18 4.74 15.45
N LEU A 57 14.99 5.97 15.02
CA LEU A 57 15.26 7.12 15.88
C LEU A 57 14.00 7.65 16.58
N GLY A 58 12.92 6.88 16.53
CA GLY A 58 11.69 7.31 17.16
C GLY A 58 10.60 7.70 16.18
N PHE A 59 9.35 7.63 16.64
CA PHE A 59 8.19 7.95 15.83
C PHE A 59 8.01 9.42 15.51
N PRO A 60 7.70 9.73 14.25
CA PRO A 60 7.51 11.15 13.96
C PRO A 60 6.31 11.57 14.80
N PRO A 61 6.21 12.85 15.17
CA PRO A 61 5.07 13.27 15.97
C PRO A 61 3.71 12.83 15.41
N ALA A 62 3.49 13.06 14.11
CA ALA A 62 2.24 12.69 13.47
C ALA A 62 1.88 11.22 13.70
N VAL A 63 2.86 10.34 13.54
CA VAL A 63 2.66 8.91 13.74
C VAL A 63 2.34 8.67 15.20
N GLU A 64 3.02 9.38 16.07
CA GLU A 64 2.82 9.23 17.51
C GLU A 64 1.40 9.62 17.88
N ARG A 65 0.98 10.78 17.36
CA ARG A 65 -0.35 11.27 17.64
C ARG A 65 -1.35 10.22 17.16
N PHE A 66 -1.06 9.66 15.99
CA PHE A 66 -1.93 8.65 15.40
C PHE A 66 -2.04 7.36 16.22
N ARG A 67 -0.91 6.77 16.61
CA ARG A 67 -0.96 5.55 17.40
C ARG A 67 -1.76 5.69 18.69
N GLU A 68 -1.66 6.84 19.35
CA GLU A 68 -2.37 7.05 20.60
C GLU A 68 -3.89 7.15 20.41
N GLN A 69 -4.31 7.70 19.28
CA GLN A 69 -5.73 7.82 19.02
C GLN A 69 -6.28 6.42 18.84
N ILE A 70 -5.51 5.57 18.17
CA ILE A 70 -5.94 4.21 17.96
C ILE A 70 -6.03 3.51 19.32
N ARG A 71 -4.96 3.64 20.11
CA ARG A 71 -4.91 3.02 21.44
C ARG A 71 -6.09 3.43 22.31
N ALA A 72 -6.45 4.71 22.25
CA ALA A 72 -7.55 5.24 23.05
C ALA A 72 -8.97 4.91 22.55
N ALA A 73 -9.15 4.82 21.23
CA ALA A 73 -10.46 4.54 20.67
C ALA A 73 -10.99 3.13 20.94
N ASP A 74 -12.28 3.02 21.22
CA ASP A 74 -12.91 1.73 21.47
C ASP A 74 -13.13 0.93 20.18
N ALA A 75 -13.24 1.63 19.05
CA ALA A 75 -13.45 0.96 17.78
C ALA A 75 -12.87 1.76 16.62
N LEU A 76 -12.65 1.10 15.49
CA LEU A 76 -12.10 1.76 14.32
C LEU A 76 -13.06 1.70 13.13
N LEU A 77 -13.10 2.77 12.35
CA LEU A 77 -13.95 2.82 11.16
C LEU A 77 -13.07 3.26 9.99
N PHE A 78 -12.79 2.32 9.08
CA PHE A 78 -11.95 2.58 7.92
C PHE A 78 -12.72 2.87 6.64
N ALA A 79 -12.31 3.91 5.94
CA ALA A 79 -12.92 4.27 4.68
C ALA A 79 -11.76 4.29 3.70
N THR A 80 -11.54 3.18 3.02
CA THR A 80 -10.44 3.06 2.08
C THR A 80 -10.79 3.08 0.62
N PRO A 81 -10.14 3.97 -0.14
CA PRO A 81 -10.43 4.01 -1.57
C PRO A 81 -9.65 2.85 -2.18
N GLU A 82 -9.94 2.48 -3.42
CA GLU A 82 -9.19 1.40 -4.02
C GLU A 82 -8.41 1.89 -5.23
N TYR A 83 -7.09 1.77 -5.16
CA TYR A 83 -6.23 2.20 -6.26
C TYR A 83 -5.53 0.98 -6.83
N ASN A 84 -5.59 0.83 -8.15
CA ASN A 84 -4.93 -0.26 -8.83
C ASN A 84 -5.00 -1.63 -8.15
N TYR A 85 -6.22 -2.16 -8.07
CA TYR A 85 -6.49 -3.48 -7.52
C TYR A 85 -6.05 -3.77 -6.09
N SER A 86 -6.06 -2.73 -5.25
CA SER A 86 -5.72 -2.89 -3.85
C SER A 86 -6.04 -1.61 -3.11
N MET A 87 -5.72 -1.56 -1.82
CA MET A 87 -5.99 -0.37 -1.01
C MET A 87 -5.05 0.78 -1.37
N ALA A 88 -5.44 1.98 -1.01
CA ALA A 88 -4.63 3.16 -1.29
C ALA A 88 -3.28 3.06 -0.61
N GLY A 89 -2.23 3.36 -1.35
CA GLY A 89 -0.90 3.29 -0.80
C GLY A 89 -0.72 4.18 0.41
N VAL A 90 -1.42 5.31 0.43
CA VAL A 90 -1.32 6.24 1.54
C VAL A 90 -1.81 5.60 2.83
N LEU A 91 -2.99 4.98 2.76
CA LEU A 91 -3.56 4.34 3.94
C LEU A 91 -2.68 3.19 4.43
N LYS A 92 -2.21 2.38 3.51
CA LYS A 92 -1.35 1.26 3.89
C LYS A 92 -0.10 1.75 4.61
N ASN A 93 0.45 2.89 4.17
CA ASN A 93 1.66 3.44 4.78
C ASN A 93 1.39 3.89 6.21
N ALA A 94 0.23 4.48 6.44
CA ALA A 94 -0.12 4.94 7.79
C ALA A 94 -0.24 3.72 8.69
N ILE A 95 -0.85 2.67 8.14
CA ILE A 95 -1.01 1.43 8.89
C ILE A 95 0.38 0.84 9.17
N ASP A 96 1.27 0.92 8.20
CA ASP A 96 2.61 0.40 8.40
C ASP A 96 3.30 1.13 9.55
N TRP A 97 3.24 2.46 9.55
CA TRP A 97 3.85 3.23 10.63
C TRP A 97 3.22 2.89 11.98
N ALA A 98 1.90 2.93 12.03
CA ALA A 98 1.18 2.65 13.27
C ALA A 98 1.39 1.25 13.84
N SER A 99 1.74 0.29 12.99
CA SER A 99 1.90 -1.10 13.43
C SER A 99 3.23 -1.49 14.06
N ARG A 100 4.20 -0.60 14.09
CA ARG A 100 5.50 -0.93 14.66
C ARG A 100 5.50 -1.09 16.18
N PRO A 101 6.41 -1.92 16.71
CA PRO A 101 6.49 -2.13 18.17
C PRO A 101 7.16 -0.87 18.69
N PRO A 102 7.06 -0.59 20.01
CA PRO A 102 6.40 -1.33 21.08
C PRO A 102 4.90 -1.19 21.21
N GLU A 103 4.24 -2.33 21.31
CA GLU A 103 2.80 -2.41 21.48
C GLU A 103 1.96 -1.56 20.55
N GLN A 104 1.95 -1.95 19.27
CA GLN A 104 1.18 -1.25 18.27
C GLN A 104 -0.29 -1.33 18.72
N PRO A 105 -1.01 -0.20 18.74
CA PRO A 105 -2.40 -0.07 19.15
C PRO A 105 -3.52 -0.81 18.43
N PHE A 106 -3.25 -1.39 17.26
CA PHE A 106 -4.33 -2.09 16.55
C PHE A 106 -4.80 -3.34 17.30
N SER A 107 -3.88 -3.98 18.02
CA SER A 107 -4.19 -5.20 18.74
C SER A 107 -5.44 -5.20 19.62
N GLY A 108 -6.42 -6.05 19.26
CA GLY A 108 -7.62 -6.16 20.05
C GLY A 108 -8.83 -5.34 19.63
N LYS A 109 -8.58 -4.18 19.02
CA LYS A 109 -9.64 -3.30 18.58
C LYS A 109 -10.57 -3.88 17.52
N PRO A 110 -11.87 -3.65 17.67
CA PRO A 110 -12.83 -4.14 16.69
C PRO A 110 -12.92 -3.05 15.65
N ALA A 111 -13.14 -3.41 14.39
CA ALA A 111 -13.21 -2.40 13.35
C ALA A 111 -14.15 -2.77 12.23
N ALA A 112 -14.67 -1.75 11.55
CA ALA A 112 -15.58 -1.98 10.44
C ALA A 112 -14.97 -1.32 9.22
N ILE A 113 -15.26 -1.89 8.04
CA ILE A 113 -14.74 -1.36 6.77
C ILE A 113 -15.81 -0.89 5.81
N LEU A 114 -15.47 0.15 5.05
CA LEU A 114 -16.33 0.72 4.03
C LEU A 114 -15.38 1.34 3.01
N GLY A 115 -15.82 1.50 1.77
CA GLY A 115 -14.95 2.06 0.76
C GLY A 115 -15.70 2.87 -0.25
N ALA A 116 -15.13 4.00 -0.63
CA ALA A 116 -15.79 4.88 -1.60
C ALA A 116 -14.98 4.88 -2.88
N SER A 117 -15.68 4.71 -4.00
CA SER A 117 -15.03 4.70 -5.30
C SER A 117 -15.96 5.19 -6.40
N ALA A 118 -15.36 5.74 -7.44
CA ALA A 118 -16.10 6.24 -8.59
C ALA A 118 -16.15 5.13 -9.60
N GLY A 119 -17.11 5.22 -10.52
CA GLY A 119 -17.23 4.24 -11.58
C GLY A 119 -17.72 2.83 -11.28
N ARG A 120 -17.35 1.94 -12.20
CA ARG A 120 -17.69 0.51 -12.23
C ARG A 120 -17.79 -0.19 -10.88
N PHE A 121 -16.69 -0.81 -10.43
CA PHE A 121 -16.65 -1.50 -9.15
C PHE A 121 -15.95 -0.60 -8.15
N GLY A 122 -15.13 -1.19 -7.29
CA GLY A 122 -14.41 -0.39 -6.33
C GLY A 122 -14.32 -0.94 -4.93
N THR A 123 -13.15 -0.75 -4.35
CA THR A 123 -12.89 -1.15 -2.99
C THR A 123 -13.06 -2.63 -2.60
N ALA A 124 -13.72 -3.44 -3.43
CA ALA A 124 -13.88 -4.86 -3.07
C ALA A 124 -12.53 -5.55 -2.82
N ARG A 125 -11.50 -5.22 -3.59
CA ARG A 125 -10.19 -5.81 -3.40
C ARG A 125 -9.51 -5.14 -2.21
N ALA A 126 -9.53 -3.82 -2.23
CA ALA A 126 -8.92 -3.04 -1.16
C ALA A 126 -9.48 -3.48 0.18
N GLN A 127 -10.80 -3.64 0.26
CA GLN A 127 -11.43 -4.05 1.51
C GLN A 127 -10.95 -5.44 1.93
N TYR A 128 -10.74 -6.32 0.97
CA TYR A 128 -10.28 -7.66 1.30
C TYR A 128 -8.86 -7.55 1.86
N HIS A 129 -7.96 -6.89 1.13
CA HIS A 129 -6.59 -6.74 1.59
C HIS A 129 -6.55 -6.05 2.94
N LEU A 130 -7.35 -5.01 3.10
CA LEU A 130 -7.37 -4.27 4.36
C LEU A 130 -7.83 -5.18 5.49
N ARG A 131 -8.91 -5.92 5.24
CA ARG A 131 -9.46 -6.83 6.23
C ARG A 131 -8.36 -7.81 6.65
N GLN A 132 -7.64 -8.32 5.66
CA GLN A 132 -6.58 -9.28 5.92
C GLN A 132 -5.46 -8.65 6.74
N THR A 133 -4.91 -7.56 6.25
CA THR A 133 -3.84 -6.88 6.97
C THR A 133 -4.24 -6.55 8.41
N LEU A 134 -5.48 -6.12 8.63
CA LEU A 134 -5.92 -5.76 9.98
C LEU A 134 -6.04 -6.98 10.90
N VAL A 135 -6.46 -8.10 10.35
CA VAL A 135 -6.58 -9.33 11.14
C VAL A 135 -5.17 -9.73 11.53
N PHE A 136 -4.23 -9.51 10.61
CA PHE A 136 -2.84 -9.81 10.85
C PHE A 136 -2.31 -9.02 12.05
N LEU A 137 -2.93 -7.89 12.35
CA LEU A 137 -2.53 -7.05 13.48
C LEU A 137 -3.45 -7.29 14.68
N ASP A 138 -4.25 -8.34 14.56
CA ASP A 138 -5.18 -8.73 15.59
C ASP A 138 -6.31 -7.76 15.83
N VAL A 139 -6.91 -7.33 14.74
CA VAL A 139 -8.05 -6.45 14.78
C VAL A 139 -9.22 -7.40 14.57
N HIS A 140 -10.39 -7.07 15.09
CA HIS A 140 -11.54 -7.94 14.88
C HIS A 140 -12.48 -7.16 13.96
N PRO A 141 -12.32 -7.35 12.64
CA PRO A 141 -13.21 -6.62 11.73
C PRO A 141 -14.53 -7.33 11.53
N LEU A 142 -15.61 -6.56 11.37
CA LEU A 142 -16.92 -7.15 11.15
C LEU A 142 -17.01 -7.65 9.72
N ASN A 143 -17.69 -8.77 9.53
CA ASN A 143 -17.85 -9.31 8.20
C ASN A 143 -19.06 -8.67 7.54
N LYS A 144 -20.10 -8.44 8.33
CA LYS A 144 -21.34 -7.86 7.81
C LYS A 144 -21.72 -6.58 8.54
N PRO A 145 -22.28 -5.60 7.82
CA PRO A 145 -22.56 -5.66 6.38
C PRO A 145 -21.41 -5.12 5.52
N GLU A 146 -21.45 -5.43 4.23
CA GLU A 146 -20.43 -4.94 3.30
C GLU A 146 -20.88 -3.55 2.90
N VAL A 147 -20.00 -2.57 3.01
CA VAL A 147 -20.37 -1.21 2.64
C VAL A 147 -19.50 -0.66 1.51
N MET A 148 -20.05 -0.69 0.31
CA MET A 148 -19.33 -0.18 -0.86
C MET A 148 -20.13 0.93 -1.52
N ILE A 149 -19.56 2.13 -1.56
CA ILE A 149 -20.21 3.27 -2.20
C ILE A 149 -19.63 3.45 -3.60
N SER A 150 -20.31 2.91 -4.60
CA SER A 150 -19.85 3.00 -5.97
C SER A 150 -20.41 4.25 -6.64
N SER A 151 -19.90 4.57 -7.84
CA SER A 151 -20.34 5.77 -8.55
C SER A 151 -20.36 6.94 -7.59
N ALA A 152 -19.37 6.96 -6.70
CA ALA A 152 -19.23 8.01 -5.70
C ALA A 152 -19.35 9.43 -6.25
N GLN A 153 -18.84 9.66 -7.46
CA GLN A 153 -18.89 10.99 -8.05
C GLN A 153 -20.32 11.50 -8.17
N ASN A 154 -21.29 10.59 -8.23
CA ASN A 154 -22.69 10.96 -8.31
C ASN A 154 -23.36 10.81 -6.96
N ALA A 155 -22.82 9.91 -6.14
CA ALA A 155 -23.36 9.65 -4.82
C ALA A 155 -23.24 10.84 -3.88
N PHE A 156 -22.24 11.69 -4.10
CA PHE A 156 -22.05 12.86 -3.26
C PHE A 156 -22.25 14.16 -4.04
N ASP A 157 -22.78 15.17 -3.37
CA ASP A 157 -22.97 16.46 -4.03
C ASP A 157 -21.87 17.38 -3.52
N ALA A 158 -21.83 18.60 -4.04
CA ALA A 158 -20.83 19.57 -3.63
C ALA A 158 -20.81 19.72 -2.12
N GLN A 159 -19.62 19.76 -1.56
CA GLN A 159 -19.45 19.90 -0.12
C GLN A 159 -20.20 18.85 0.74
N GLY A 160 -19.96 17.57 0.46
CA GLY A 160 -20.57 16.50 1.23
C GLY A 160 -21.97 16.00 0.90
N ARG A 161 -22.68 15.62 1.96
CA ARG A 161 -24.04 15.09 1.86
C ARG A 161 -24.15 13.91 0.92
N LEU A 162 -24.41 12.74 1.52
CA LEU A 162 -24.57 11.51 0.76
C LEU A 162 -25.99 11.44 0.21
N LEU A 163 -26.15 11.72 -1.09
CA LEU A 163 -27.46 11.69 -1.72
C LEU A 163 -28.09 10.31 -1.81
N ASP A 164 -27.25 9.27 -1.89
CA ASP A 164 -27.72 7.90 -2.00
C ASP A 164 -28.27 7.32 -0.69
N ASP A 165 -29.59 7.13 -0.64
CA ASP A 165 -30.22 6.59 0.56
C ASP A 165 -29.75 5.18 0.91
N LYS A 166 -29.38 4.41 -0.09
CA LYS A 166 -28.91 3.03 0.11
C LYS A 166 -27.69 2.98 1.03
N ALA A 167 -26.66 3.73 0.65
CA ALA A 167 -25.43 3.79 1.43
C ALA A 167 -25.71 4.30 2.85
N ARG A 168 -26.73 5.14 2.99
CA ARG A 168 -27.09 5.66 4.31
C ARG A 168 -27.49 4.52 5.23
N GLU A 169 -28.39 3.67 4.76
CA GLU A 169 -28.85 2.54 5.56
C GLU A 169 -27.69 1.70 6.07
N LEU A 170 -26.75 1.41 5.17
CA LEU A 170 -25.59 0.60 5.51
C LEU A 170 -24.73 1.24 6.59
N ILE A 171 -24.44 2.52 6.47
CA ILE A 171 -23.65 3.21 7.49
C ILE A 171 -24.34 3.02 8.83
N GLN A 172 -25.64 3.34 8.87
CA GLN A 172 -26.46 3.20 10.07
C GLN A 172 -26.32 1.81 10.65
N GLN A 173 -26.60 0.81 9.81
CA GLN A 173 -26.50 -0.59 10.20
C GLN A 173 -25.12 -0.92 10.70
N GLN A 174 -24.11 -0.45 9.96
CA GLN A 174 -22.73 -0.70 10.32
C GLN A 174 -22.42 -0.08 11.68
N LEU A 175 -22.89 1.14 11.90
CA LEU A 175 -22.66 1.80 13.18
C LEU A 175 -23.39 1.09 14.32
N GLN A 176 -24.57 0.54 14.04
CA GLN A 176 -25.32 -0.17 15.07
C GLN A 176 -24.65 -1.49 15.41
N ALA A 177 -24.23 -2.24 14.39
CA ALA A 177 -23.56 -3.50 14.62
C ALA A 177 -22.30 -3.26 15.44
N LEU A 178 -21.55 -2.23 15.06
CA LEU A 178 -20.31 -1.86 15.72
C LEU A 178 -20.54 -1.61 17.21
N GLN A 179 -21.60 -0.89 17.52
CA GLN A 179 -21.91 -0.59 18.91
C GLN A 179 -22.08 -1.91 19.69
N LEU A 180 -22.72 -2.91 19.06
CA LEU A 180 -22.92 -4.20 19.70
C LEU A 180 -21.60 -4.95 19.89
N ILE B 7 19.06 -4.79 -23.47
CA ILE B 7 17.79 -4.89 -22.67
C ILE B 7 17.90 -4.12 -21.35
N LYS B 8 17.38 -2.91 -21.35
CA LYS B 8 17.41 -2.04 -20.17
C LYS B 8 16.36 -2.52 -19.15
N VAL B 9 16.82 -2.94 -17.98
CA VAL B 9 15.92 -3.41 -16.94
C VAL B 9 15.96 -2.45 -15.73
N LEU B 10 14.79 -2.02 -15.29
CA LEU B 10 14.69 -1.11 -14.17
C LEU B 10 14.37 -1.85 -12.88
N GLY B 11 15.25 -1.70 -11.88
CA GLY B 11 15.06 -2.37 -10.61
C GLY B 11 14.34 -1.44 -9.67
N ILE B 12 13.31 -1.96 -9.02
CA ILE B 12 12.52 -1.17 -8.11
C ILE B 12 12.38 -1.81 -6.73
N SER B 13 12.96 -1.15 -5.73
CA SER B 13 12.90 -1.63 -4.36
C SER B 13 11.72 -0.96 -3.65
N GLY B 14 11.04 -1.72 -2.79
CA GLY B 14 9.92 -1.16 -2.07
C GLY B 14 10.31 -0.75 -0.66
N SER B 15 11.62 -0.64 -0.44
CA SER B 15 12.16 -0.26 0.87
C SER B 15 13.13 0.91 0.74
N LEU B 16 12.98 1.89 1.63
CA LEU B 16 13.83 3.07 1.61
C LEU B 16 15.07 3.01 2.52
N ARG B 17 15.08 2.11 3.49
CA ARG B 17 16.22 2.00 4.40
C ARG B 17 17.51 1.60 3.69
N SER B 18 18.61 2.24 4.09
CA SER B 18 19.91 1.97 3.48
C SER B 18 20.37 0.52 3.52
N GLY B 19 19.98 -0.22 4.55
CA GLY B 19 20.39 -1.62 4.65
C GLY B 19 19.42 -2.59 3.99
N SER B 20 18.28 -2.06 3.54
CA SER B 20 17.22 -2.83 2.91
C SER B 20 17.69 -4.08 2.19
N TYR B 21 17.25 -5.23 2.67
CA TYR B 21 17.62 -6.49 2.02
C TYR B 21 17.06 -6.54 0.59
N ASN B 22 15.95 -5.85 0.35
CA ASN B 22 15.33 -5.82 -0.97
C ASN B 22 16.15 -4.97 -1.94
N SER B 23 16.75 -3.89 -1.43
CA SER B 23 17.57 -3.06 -2.30
C SER B 23 18.82 -3.86 -2.58
N ALA B 24 19.25 -4.61 -1.56
CA ALA B 24 20.45 -5.45 -1.64
C ALA B 24 20.34 -6.54 -2.69
N ALA B 25 19.17 -7.17 -2.78
CA ALA B 25 18.95 -8.24 -3.74
C ALA B 25 18.99 -7.69 -5.16
N LEU B 26 18.43 -6.51 -5.39
CA LEU B 26 18.49 -5.94 -6.74
C LEU B 26 19.92 -5.51 -7.04
N GLN B 27 20.66 -5.17 -5.98
CA GLN B 27 22.04 -4.74 -6.13
C GLN B 27 22.87 -5.93 -6.61
N GLU B 28 22.54 -7.12 -6.11
CA GLU B 28 23.23 -8.35 -6.49
C GLU B 28 22.78 -8.81 -7.86
N ALA B 29 21.56 -8.45 -8.24
CA ALA B 29 21.04 -8.84 -9.54
C ALA B 29 21.81 -8.15 -10.65
N ILE B 30 22.42 -7.01 -10.34
CA ILE B 30 23.19 -6.30 -11.35
C ILE B 30 24.30 -7.20 -11.89
N GLY B 31 25.00 -7.88 -10.98
CA GLY B 31 26.09 -8.77 -11.36
C GLY B 31 25.67 -10.19 -11.70
N LEU B 32 24.36 -10.41 -11.83
CA LEU B 32 23.83 -11.71 -12.18
C LEU B 32 23.11 -11.69 -13.51
N VAL B 33 23.00 -10.51 -14.12
CA VAL B 33 22.36 -10.39 -15.43
C VAL B 33 23.13 -11.20 -16.46
N PRO B 34 22.47 -11.61 -17.56
CA PRO B 34 23.20 -12.36 -18.57
C PRO B 34 23.78 -11.38 -19.58
N PRO B 35 24.52 -11.88 -20.58
CA PRO B 35 25.09 -10.96 -21.58
C PRO B 35 23.94 -10.30 -22.36
N GLY B 36 24.02 -8.99 -22.57
CA GLY B 36 22.97 -8.31 -23.30
C GLY B 36 21.98 -7.55 -22.44
N MET B 37 21.87 -7.94 -21.18
CA MET B 37 20.95 -7.29 -20.24
C MET B 37 21.73 -6.46 -19.23
N SER B 38 21.10 -5.42 -18.71
CA SER B 38 21.73 -4.56 -17.71
C SER B 38 20.67 -3.96 -16.80
N ILE B 39 21.00 -3.81 -15.52
CA ILE B 39 20.04 -3.28 -14.57
C ILE B 39 20.44 -1.93 -13.94
N GLU B 40 19.46 -1.04 -13.88
CA GLU B 40 19.64 0.27 -13.27
C GLU B 40 18.55 0.41 -12.23
N LEU B 41 18.94 0.74 -11.00
CA LEU B 41 17.98 0.89 -9.91
C LEU B 41 17.26 2.23 -9.96
N ALA B 42 15.95 2.21 -9.70
CA ALA B 42 15.17 3.43 -9.68
C ALA B 42 15.16 3.92 -8.24
N ASP B 43 15.06 5.23 -8.06
CA ASP B 43 15.05 5.84 -6.73
C ASP B 43 13.67 6.45 -6.53
N ILE B 44 12.95 5.97 -5.51
CA ILE B 44 11.62 6.49 -5.24
C ILE B 44 11.54 7.25 -3.91
N SER B 45 12.69 7.48 -3.30
CA SER B 45 12.74 8.19 -2.02
C SER B 45 12.19 9.61 -2.14
N GLY B 46 12.23 10.17 -3.35
CA GLY B 46 11.76 11.53 -3.54
C GLY B 46 10.27 11.64 -3.79
N ILE B 47 9.62 10.54 -4.09
CA ILE B 47 8.19 10.53 -4.36
C ILE B 47 7.38 10.76 -3.09
N PRO B 48 6.42 11.70 -3.11
CA PRO B 48 5.59 11.99 -1.94
C PRO B 48 4.34 11.13 -1.84
N LEU B 49 3.61 11.31 -0.74
CA LEU B 49 2.38 10.57 -0.51
C LEU B 49 1.37 11.04 -1.54
N TYR B 50 0.64 10.12 -2.15
CA TYR B 50 -0.31 10.53 -3.17
C TYR B 50 -1.44 11.44 -2.69
N ASN B 51 -1.65 12.52 -3.41
CA ASN B 51 -2.69 13.48 -3.08
C ASN B 51 -3.26 14.01 -4.38
N GLU B 52 -4.46 13.57 -4.72
CA GLU B 52 -5.11 13.99 -5.96
C GLU B 52 -4.97 15.49 -6.25
N ASP B 53 -5.09 16.32 -5.22
CA ASP B 53 -4.99 17.76 -5.38
C ASP B 53 -3.63 18.15 -5.95
N VAL B 54 -2.57 17.55 -5.42
CA VAL B 54 -1.23 17.83 -5.89
C VAL B 54 -1.13 17.32 -7.33
N TYR B 55 -1.65 16.13 -7.57
CA TYR B 55 -1.62 15.54 -8.90
C TYR B 55 -2.30 16.45 -9.90
N ALA B 56 -3.43 17.02 -9.52
CA ALA B 56 -4.18 17.91 -10.41
C ALA B 56 -3.31 19.06 -10.90
N LEU B 57 -2.42 19.53 -10.02
CA LEU B 57 -1.53 20.63 -10.35
C LEU B 57 -0.34 20.18 -11.19
N GLY B 58 -0.16 18.86 -11.33
CA GLY B 58 0.95 18.36 -12.11
C GLY B 58 1.89 17.47 -11.30
N PHE B 59 2.49 16.51 -11.99
CA PHE B 59 3.41 15.54 -11.40
C PHE B 59 4.59 16.14 -10.65
N PRO B 60 4.88 15.63 -9.45
CA PRO B 60 6.02 16.15 -8.70
C PRO B 60 7.28 15.79 -9.48
N PRO B 61 8.31 16.64 -9.43
CA PRO B 61 9.53 16.33 -10.16
C PRO B 61 9.99 14.87 -10.01
N ALA B 62 10.06 14.39 -8.76
CA ALA B 62 10.48 13.01 -8.53
C ALA B 62 9.60 11.97 -9.20
N VAL B 63 8.32 12.27 -9.39
CA VAL B 63 7.41 11.32 -10.04
C VAL B 63 7.55 11.33 -11.56
N GLU B 64 7.95 12.46 -12.13
CA GLU B 64 8.12 12.53 -13.58
C GLU B 64 9.34 11.69 -13.94
N ARG B 65 10.42 11.84 -13.18
CA ARG B 65 11.65 11.10 -13.44
C ARG B 65 11.38 9.60 -13.41
N PHE B 66 10.66 9.17 -12.38
CA PHE B 66 10.33 7.77 -12.22
C PHE B 66 9.50 7.29 -13.42
N ARG B 67 8.38 7.94 -13.67
CA ARG B 67 7.53 7.54 -14.80
C ARG B 67 8.30 7.42 -16.11
N GLU B 68 9.22 8.35 -16.35
CA GLU B 68 9.98 8.29 -17.60
C GLU B 68 11.04 7.20 -17.60
N GLN B 69 11.42 6.71 -16.42
CA GLN B 69 12.38 5.62 -16.32
C GLN B 69 11.64 4.34 -16.67
N ILE B 70 10.38 4.27 -16.29
CA ILE B 70 9.54 3.11 -16.57
C ILE B 70 9.22 3.05 -18.06
N ARG B 71 8.80 4.17 -18.61
CA ARG B 71 8.46 4.25 -20.03
C ARG B 71 9.64 3.79 -20.89
N ALA B 72 10.84 4.27 -20.55
CA ALA B 72 12.07 3.94 -21.28
C ALA B 72 12.62 2.53 -21.05
N ALA B 73 12.54 2.00 -19.84
CA ALA B 73 13.07 0.66 -19.56
C ALA B 73 12.38 -0.41 -20.40
N ASP B 74 13.12 -1.46 -20.77
CA ASP B 74 12.55 -2.55 -21.56
C ASP B 74 11.82 -3.55 -20.67
N ALA B 75 12.19 -3.59 -19.39
CA ALA B 75 11.57 -4.52 -18.46
C ALA B 75 11.75 -4.03 -17.03
N LEU B 76 10.87 -4.49 -16.13
CA LEU B 76 10.91 -4.08 -14.74
C LEU B 76 11.18 -5.23 -13.76
N LEU B 77 11.99 -4.96 -12.75
CA LEU B 77 12.27 -5.97 -11.75
C LEU B 77 11.85 -5.41 -10.39
N PHE B 78 10.88 -6.04 -9.74
CA PHE B 78 10.40 -5.56 -8.45
C PHE B 78 10.93 -6.36 -7.27
N ALA B 79 11.30 -5.65 -6.21
CA ALA B 79 11.79 -6.25 -5.00
C ALA B 79 10.89 -5.73 -3.88
N THR B 80 9.73 -6.36 -3.70
CA THR B 80 8.78 -5.92 -2.69
C THR B 80 8.87 -6.61 -1.34
N PRO B 81 8.99 -5.83 -0.25
CA PRO B 81 9.06 -6.46 1.06
C PRO B 81 7.62 -6.66 1.46
N GLU B 82 7.36 -7.55 2.39
CA GLU B 82 6.00 -7.74 2.82
C GLU B 82 5.82 -7.00 4.14
N TYR B 83 4.82 -6.14 4.19
CA TYR B 83 4.50 -5.39 5.40
C TYR B 83 3.07 -5.74 5.83
N ASN B 84 2.93 -6.46 6.94
CA ASN B 84 1.62 -6.84 7.46
C ASN B 84 0.71 -7.53 6.45
N TYR B 85 1.18 -8.66 5.92
CA TYR B 85 0.42 -9.44 4.96
C TYR B 85 0.06 -8.78 3.64
N SER B 86 0.92 -7.86 3.19
CA SER B 86 0.71 -7.21 1.91
C SER B 86 1.99 -6.52 1.47
N MET B 87 1.96 -5.82 0.35
CA MET B 87 3.17 -5.16 -0.10
C MET B 87 3.39 -3.95 0.78
N ALA B 88 4.61 -3.44 0.78
CA ALA B 88 4.93 -2.29 1.59
C ALA B 88 4.16 -1.10 1.05
N GLY B 89 3.60 -0.30 1.95
CA GLY B 89 2.85 0.88 1.52
C GLY B 89 3.66 1.75 0.56
N VAL B 90 4.91 2.02 0.92
CA VAL B 90 5.78 2.84 0.11
C VAL B 90 5.83 2.42 -1.35
N LEU B 91 6.06 1.13 -1.59
CA LEU B 91 6.11 0.65 -2.96
C LEU B 91 4.78 0.88 -3.66
N LYS B 92 3.68 0.57 -2.98
CA LYS B 92 2.37 0.76 -3.58
C LYS B 92 2.15 2.22 -3.89
N ASN B 93 2.49 3.10 -2.95
CA ASN B 93 2.30 4.52 -3.16
C ASN B 93 2.99 5.03 -4.40
N ALA B 94 4.20 4.51 -4.65
CA ALA B 94 4.96 4.92 -5.81
C ALA B 94 4.25 4.45 -7.06
N ILE B 95 3.75 3.22 -7.06
CA ILE B 95 3.02 2.70 -8.22
C ILE B 95 1.74 3.56 -8.43
N ASP B 96 1.09 3.93 -7.33
CA ASP B 96 -0.10 4.75 -7.42
C ASP B 96 0.19 6.02 -8.23
N TRP B 97 1.20 6.78 -7.80
CA TRP B 97 1.56 8.01 -8.51
C TRP B 97 1.77 7.72 -9.99
N ALA B 98 2.76 6.88 -10.25
CA ALA B 98 3.15 6.49 -11.60
C ALA B 98 2.04 5.98 -12.51
N SER B 99 0.94 5.51 -11.93
CA SER B 99 -0.14 4.96 -12.72
C SER B 99 -1.16 5.96 -13.24
N ARG B 100 -1.01 7.24 -12.90
CA ARG B 100 -1.95 8.28 -13.33
C ARG B 100 -1.88 8.65 -14.81
N PRO B 101 -3.04 8.99 -15.39
CA PRO B 101 -3.10 9.37 -16.80
C PRO B 101 -2.26 10.63 -16.94
N PRO B 102 -1.81 10.96 -18.15
CA PRO B 102 -2.03 10.23 -19.39
C PRO B 102 -0.96 9.18 -19.68
N GLU B 103 -1.31 8.19 -20.49
CA GLU B 103 -0.39 7.13 -20.90
C GLU B 103 0.55 6.58 -19.83
N GLN B 104 -0.01 6.11 -18.71
CA GLN B 104 0.82 5.56 -17.65
C GLN B 104 1.80 4.54 -18.22
N PRO B 105 3.11 4.83 -18.13
CA PRO B 105 4.21 4.00 -18.62
C PRO B 105 4.24 2.51 -18.34
N PHE B 106 3.49 2.04 -17.34
CA PHE B 106 3.50 0.62 -17.02
C PHE B 106 2.93 -0.22 -18.17
N SER B 107 1.96 0.35 -18.88
CA SER B 107 1.29 -0.36 -19.98
C SER B 107 2.16 -1.12 -20.98
N GLY B 108 1.99 -2.43 -21.02
CA GLY B 108 2.75 -3.25 -21.96
C GLY B 108 4.08 -3.78 -21.49
N LYS B 109 4.68 -3.15 -20.48
CA LYS B 109 5.98 -3.60 -19.99
C LYS B 109 5.99 -4.98 -19.32
N PRO B 110 7.05 -5.77 -19.58
CA PRO B 110 7.13 -7.10 -18.96
C PRO B 110 7.86 -6.85 -17.64
N ALA B 111 7.69 -7.75 -16.67
CA ALA B 111 8.34 -7.56 -15.38
C ALA B 111 8.58 -8.87 -14.69
N ALA B 112 9.47 -8.82 -13.69
CA ALA B 112 9.81 -9.98 -12.88
C ALA B 112 9.66 -9.53 -11.42
N ILE B 113 9.18 -10.42 -10.57
CA ILE B 113 8.98 -10.07 -9.17
C ILE B 113 9.75 -10.99 -8.24
N LEU B 114 10.28 -10.40 -7.18
CA LEU B 114 11.00 -11.14 -6.17
C LEU B 114 10.82 -10.34 -4.89
N GLY B 115 10.97 -10.99 -3.74
CA GLY B 115 10.78 -10.28 -2.49
C GLY B 115 11.64 -10.81 -1.37
N ALA B 116 12.03 -9.94 -0.45
CA ALA B 116 12.86 -10.33 0.67
C ALA B 116 12.19 -9.99 2.00
N SER B 117 12.20 -10.96 2.90
CA SER B 117 11.63 -10.76 4.23
C SER B 117 12.65 -11.30 5.22
N ALA B 118 12.48 -10.98 6.50
CA ALA B 118 13.43 -11.43 7.49
C ALA B 118 12.95 -12.60 8.34
N GLY B 119 11.64 -12.71 8.57
CA GLY B 119 11.15 -13.81 9.38
C GLY B 119 11.30 -15.17 8.73
N ARG B 120 10.21 -15.92 8.71
CA ARG B 120 10.21 -17.24 8.11
C ARG B 120 9.27 -17.32 6.92
N PHE B 121 8.43 -16.32 6.71
CA PHE B 121 7.54 -16.35 5.56
C PHE B 121 7.66 -15.10 4.70
N GLY B 122 6.72 -14.18 4.87
CA GLY B 122 6.74 -12.95 4.11
C GLY B 122 6.80 -13.09 2.61
N THR B 123 6.61 -11.95 1.96
CA THR B 123 6.62 -11.79 0.51
C THR B 123 5.63 -12.59 -0.33
N ALA B 124 5.15 -13.71 0.18
CA ALA B 124 4.19 -14.50 -0.59
C ALA B 124 2.94 -13.70 -0.89
N ARG B 125 2.40 -13.03 0.13
CA ARG B 125 1.19 -12.25 -0.03
C ARG B 125 1.45 -10.92 -0.73
N ALA B 126 2.63 -10.35 -0.50
CA ALA B 126 2.98 -9.09 -1.12
C ALA B 126 3.28 -9.32 -2.60
N GLN B 127 3.90 -10.44 -2.91
CA GLN B 127 4.23 -10.72 -4.31
C GLN B 127 2.97 -11.00 -5.10
N TYR B 128 1.98 -11.62 -4.46
CA TYR B 128 0.75 -11.90 -5.15
C TYR B 128 0.01 -10.58 -5.38
N HIS B 129 -0.17 -9.80 -4.32
CA HIS B 129 -0.85 -8.51 -4.42
C HIS B 129 -0.17 -7.64 -5.48
N LEU B 130 1.16 -7.62 -5.45
CA LEU B 130 1.89 -6.82 -6.43
C LEU B 130 1.60 -7.34 -7.83
N ARG B 131 1.61 -8.65 -8.00
CA ARG B 131 1.36 -9.21 -9.31
C ARG B 131 0.00 -8.78 -9.86
N GLN B 132 -1.02 -8.87 -9.00
CA GLN B 132 -2.38 -8.50 -9.43
C GLN B 132 -2.46 -7.01 -9.74
N THR B 133 -1.84 -6.20 -8.89
CA THR B 133 -1.85 -4.77 -9.11
C THR B 133 -1.18 -4.43 -10.44
N LEU B 134 -0.03 -5.04 -10.70
CA LEU B 134 0.68 -4.80 -11.95
C LEU B 134 -0.19 -5.27 -13.12
N VAL B 135 -0.73 -6.47 -13.03
CA VAL B 135 -1.57 -6.99 -14.09
C VAL B 135 -2.73 -6.04 -14.34
N PHE B 136 -3.23 -5.41 -13.28
CA PHE B 136 -4.33 -4.47 -13.45
C PHE B 136 -3.91 -3.32 -14.36
N LEU B 137 -2.63 -2.96 -14.31
CA LEU B 137 -2.08 -1.88 -15.11
C LEU B 137 -1.54 -2.32 -16.48
N ASP B 138 -1.94 -3.51 -16.93
CA ASP B 138 -1.50 -4.06 -18.21
C ASP B 138 -0.01 -4.39 -18.24
N VAL B 139 0.50 -4.91 -17.13
CA VAL B 139 1.89 -5.29 -17.05
C VAL B 139 1.89 -6.81 -17.27
N HIS B 140 2.92 -7.33 -17.94
CA HIS B 140 3.00 -8.76 -18.19
C HIS B 140 4.16 -9.35 -17.40
N PRO B 141 3.90 -9.76 -16.15
CA PRO B 141 4.93 -10.35 -15.29
C PRO B 141 5.22 -11.83 -15.49
N LEU B 142 6.48 -12.21 -15.29
CA LEU B 142 6.90 -13.59 -15.43
C LEU B 142 6.22 -14.44 -14.36
N ASN B 143 5.68 -15.58 -14.75
CA ASN B 143 5.00 -16.47 -13.79
C ASN B 143 6.04 -17.14 -12.90
N LYS B 144 7.07 -17.70 -13.54
CA LYS B 144 8.14 -18.37 -12.82
C LYS B 144 9.47 -18.05 -13.49
N PRO B 145 10.59 -18.29 -12.79
CA PRO B 145 10.67 -18.82 -11.43
C PRO B 145 10.13 -17.90 -10.33
N GLU B 146 10.03 -18.45 -9.12
CA GLU B 146 9.55 -17.74 -7.95
C GLU B 146 10.75 -17.45 -7.05
N VAL B 147 11.00 -16.19 -6.77
CA VAL B 147 12.13 -15.82 -5.94
C VAL B 147 11.75 -15.10 -4.66
N MET B 148 12.05 -15.74 -3.54
CA MET B 148 11.77 -15.20 -2.22
C MET B 148 13.02 -15.37 -1.39
N ILE B 149 13.42 -14.33 -0.68
CA ILE B 149 14.58 -14.44 0.18
C ILE B 149 14.10 -14.43 1.61
N SER B 150 13.94 -15.60 2.20
CA SER B 150 13.50 -15.67 3.57
C SER B 150 14.70 -15.57 4.50
N SER B 151 14.46 -15.32 5.77
CA SER B 151 15.55 -15.19 6.73
C SER B 151 16.69 -14.38 6.14
N ALA B 152 16.33 -13.27 5.50
CA ALA B 152 17.28 -12.38 4.86
C ALA B 152 18.39 -11.90 5.79
N GLN B 153 18.08 -11.68 7.07
CA GLN B 153 19.09 -11.21 8.03
C GLN B 153 20.28 -12.14 8.15
N ASN B 154 20.11 -13.37 7.67
CA ASN B 154 21.19 -14.35 7.70
C ASN B 154 21.64 -14.57 6.27
N ALA B 155 20.78 -14.21 5.33
CA ALA B 155 21.05 -14.39 3.91
C ALA B 155 22.04 -13.38 3.35
N PHE B 156 22.32 -12.31 4.10
CA PHE B 156 23.26 -11.29 3.66
C PHE B 156 24.29 -10.97 4.73
N ASP B 157 25.38 -10.34 4.33
CA ASP B 157 26.42 -9.93 5.28
C ASP B 157 26.41 -8.40 5.39
N ALA B 158 27.28 -7.85 6.24
CA ALA B 158 27.35 -6.41 6.46
C ALA B 158 27.34 -5.55 5.19
N GLN B 159 28.19 -5.89 4.24
CA GLN B 159 28.28 -5.13 2.99
C GLN B 159 27.24 -5.61 1.96
N GLY B 160 26.03 -5.93 2.42
CA GLY B 160 24.97 -6.38 1.54
C GLY B 160 25.30 -7.34 0.39
N ARG B 161 25.77 -8.54 0.73
CA ARG B 161 26.11 -9.55 -0.28
C ARG B 161 25.36 -10.86 -0.02
N LEU B 162 24.68 -11.38 -1.05
CA LEU B 162 23.89 -12.60 -0.95
C LEU B 162 24.74 -13.86 -0.85
N LEU B 163 24.55 -14.62 0.22
CA LEU B 163 25.32 -15.85 0.47
C LEU B 163 24.75 -17.17 -0.05
N ASP B 164 23.43 -17.27 -0.18
CA ASP B 164 22.83 -18.52 -0.64
C ASP B 164 23.00 -18.76 -2.14
N ASP B 165 23.72 -19.83 -2.51
CA ASP B 165 23.93 -20.14 -3.91
C ASP B 165 22.58 -20.35 -4.59
N LYS B 166 21.64 -20.94 -3.86
CA LYS B 166 20.30 -21.21 -4.38
C LYS B 166 19.68 -19.88 -4.83
N ALA B 167 19.84 -18.87 -3.99
CA ALA B 167 19.32 -17.54 -4.26
C ALA B 167 20.03 -16.92 -5.46
N ARG B 168 21.37 -16.92 -5.41
CA ARG B 168 22.16 -16.36 -6.49
C ARG B 168 21.76 -17.02 -7.82
N GLU B 169 21.57 -18.34 -7.77
CA GLU B 169 21.20 -19.08 -8.96
C GLU B 169 19.77 -18.80 -9.41
N LEU B 170 18.87 -18.66 -8.45
CA LEU B 170 17.47 -18.38 -8.75
C LEU B 170 17.30 -17.05 -9.47
N ILE B 171 18.06 -16.05 -9.03
CA ILE B 171 17.98 -14.74 -9.67
C ILE B 171 18.54 -14.85 -11.08
N GLN B 172 19.66 -15.55 -11.25
CA GLN B 172 20.25 -15.71 -12.58
C GLN B 172 19.18 -16.32 -13.49
N GLN B 173 18.50 -17.34 -12.96
CA GLN B 173 17.44 -18.02 -13.70
C GLN B 173 16.38 -17.05 -14.16
N GLN B 174 15.85 -16.30 -13.20
CA GLN B 174 14.80 -15.32 -13.45
C GLN B 174 15.24 -14.29 -14.48
N LEU B 175 16.46 -13.78 -14.34
CA LEU B 175 16.96 -12.79 -15.29
C LEU B 175 17.00 -13.35 -16.69
N GLN B 176 17.27 -14.65 -16.81
CA GLN B 176 17.31 -15.28 -18.12
C GLN B 176 15.87 -15.45 -18.57
N ALA B 177 15.07 -16.02 -17.68
CA ALA B 177 13.66 -16.25 -17.95
C ALA B 177 13.01 -14.93 -18.36
N LEU B 178 13.59 -13.84 -17.87
CA LEU B 178 13.12 -12.50 -18.16
C LEU B 178 13.58 -12.09 -19.56
N GLN B 179 14.82 -12.40 -19.86
CA GLN B 179 15.40 -12.06 -21.15
C GLN B 179 14.65 -12.74 -22.29
N LEU B 180 14.06 -13.91 -22.02
CA LEU B 180 13.29 -14.60 -23.05
C LEU B 180 11.92 -13.93 -23.21
N1 FMN C . -12.00 4.80 -10.76
C2 FMN C . -12.65 3.82 -11.49
O2 FMN C . -13.82 3.88 -11.78
N3 FMN C . -11.87 2.72 -11.87
C4 FMN C . -10.49 2.51 -11.60
O4 FMN C . -9.95 1.50 -12.00
C4A FMN C . -9.87 3.53 -10.87
N5 FMN C . -8.55 3.56 -10.51
C5A FMN C . -7.81 4.49 -9.80
C6 FMN C . -6.39 4.28 -9.54
C7 FMN C . -5.65 5.32 -8.80
C7M FMN C . -4.16 5.06 -8.56
C8 FMN C . -6.36 6.53 -8.33
C8M FMN C . -5.69 7.70 -7.55
C9 FMN C . -7.78 6.67 -8.61
C9A FMN C . -8.52 5.65 -9.35
N10 FMN C . -9.91 5.69 -9.70
C10 FMN C . -10.66 4.69 -10.46
C1' FMN C . -10.70 6.93 -9.25
C2' FMN C . -11.16 6.98 -7.77
O2' FMN C . -11.98 5.86 -7.41
C3' FMN C . -11.92 8.30 -7.53
O3' FMN C . -11.12 9.43 -7.88
C4' FMN C . -12.45 8.42 -6.06
O4' FMN C . -13.42 9.48 -5.99
C5' FMN C . -11.45 8.84 -5.02
O5' FMN C . -12.11 8.94 -3.78
P FMN C . -11.37 9.35 -2.47
O1P FMN C . -10.24 8.43 -2.34
O2P FMN C . -10.95 10.74 -2.73
O3P FMN C . -12.38 9.32 -1.42
N1 FMN D . 7.79 -9.74 7.81
C2 FMN D . 7.00 -10.83 7.50
O2 FMN D . 7.45 -11.94 7.32
N3 FMN D . 5.63 -10.57 7.42
C4 FMN D . 4.96 -9.34 7.60
O4 FMN D . 3.75 -9.27 7.49
C4A FMN D . 5.79 -8.28 7.89
N5 FMN D . 5.38 -7.02 8.10
C5A FMN D . 6.07 -5.87 8.38
C6 FMN D . 5.38 -4.59 8.55
C7 FMN D . 6.18 -3.40 8.83
C7M FMN D . 5.43 -2.09 8.99
C8 FMN D . 7.66 -3.51 8.95
C8M FMN D . 8.62 -2.33 9.25
C9 FMN D . 8.27 -4.81 8.78
C9A FMN D . 7.48 -6.01 8.50
N10 FMN D . 7.98 -7.34 8.29
C10 FMN D . 7.22 -8.52 8.00
C1' FMN D . 9.50 -7.43 8.42
C2' FMN D . 10.28 -7.20 7.13
O2' FMN D . 10.03 -8.22 6.17
C3' FMN D . 11.77 -7.20 7.44
O3' FMN D . 12.04 -6.17 8.41
C4' FMN D . 12.63 -6.98 6.14
O4' FMN D . 14.03 -7.08 6.47
C5' FMN D . 12.56 -5.62 5.52
O5' FMN D . 13.42 -5.61 4.40
P FMN D . 13.64 -4.36 3.50
O1P FMN D . 12.33 -3.93 3.01
O2P FMN D . 14.27 -3.40 4.41
O3P FMN D . 14.60 -4.82 2.50
#